data_1V9N
#
_entry.id   1V9N
#
_cell.length_a   74.190
_cell.length_b   74.190
_cell.length_c   127.280
_cell.angle_alpha   90.00
_cell.angle_beta   90.00
_cell.angle_gamma   120.00
#
_symmetry.space_group_name_H-M   'P 31 2 1'
#
loop_
_entity.id
_entity.type
_entity.pdbx_description
1 polymer 'Malate dehydrogenase'
2 non-polymer 'NADPH DIHYDRO-NICOTINAMIDE-ADENINE-DINUCLEOTIDE PHOSPHATE'
3 non-polymer GLYCEROL
4 water water
#
_entity_poly.entity_id   1
_entity_poly.type   'polypeptide(L)'
_entity_poly.pdbx_seq_one_letter_code
;(MSE)FEKGYVDENYIRVPKDRLFSFIVRVLTKLGVPEEDAKIVADNLV(MSE)ADLRGVESHGVQRLKRYVDGIISGGV
NLHPKIRVIREGPSYALIDGDEGLGQVVGYRS(MSE)KLAIKKAKDTGIGIVIARNSNHYGIAGYYAL(MSE)AAEEG
(MSE)IGIS(MSE)TNSRPLVAPTGGIERILGTNPIALAAPTKDKPFLLD(MSE)ATSVVPIGKLEVYRRKGKDIPEGWA
INREGNITTKVEEVFNGGALLPLGGFGELLGGHKGYGLSL(MSE)VDILSGILSGGTWSKYVKNTSEKGSNVCHFF
(MSE)VIDIEHFIPLEEFKEKISQ(MSE)IEEIKSSRKHPEFERIWIHGEKGFLT(MSE)ETRLKLGIPIYRKVLEELNE
IAKRVGVEGL
;
_entity_poly.pdbx_strand_id   A
#
loop_
_chem_comp.id
_chem_comp.type
_chem_comp.name
_chem_comp.formula
GOL non-polymer GLYCEROL 'C3 H8 O3'
NDP non-polymer 'NADPH DIHYDRO-NICOTINAMIDE-ADENINE-DINUCLEOTIDE PHOSPHATE' 'C21 H30 N7 O17 P3'
#
# COMPACT_ATOMS: atom_id res chain seq x y z
N MSE A 1 -21.94 -4.18 -11.94
CA MSE A 1 -21.11 -3.12 -12.59
C MSE A 1 -19.69 -3.64 -12.78
O MSE A 1 -19.46 -4.84 -12.75
CB MSE A 1 -21.09 -1.86 -11.72
CG MSE A 1 -22.45 -1.30 -11.35
SE MSE A 1 -23.37 -2.36 -10.02
CE MSE A 1 -22.84 -1.41 -8.43
N PHE A 2 -18.74 -2.73 -12.98
CA PHE A 2 -17.36 -3.12 -13.17
C PHE A 2 -16.71 -3.51 -11.83
N GLU A 3 -15.84 -4.51 -11.90
CA GLU A 3 -15.12 -4.98 -10.72
C GLU A 3 -13.78 -5.57 -11.15
N LYS A 4 -12.71 -5.09 -10.52
CA LYS A 4 -11.34 -5.50 -10.84
C LYS A 4 -11.02 -6.99 -10.79
N GLY A 5 -11.49 -7.69 -9.76
CA GLY A 5 -11.18 -9.10 -9.66
C GLY A 5 -12.33 -9.98 -10.12
N TYR A 6 -12.13 -11.29 -10.02
CA TYR A 6 -13.17 -12.24 -10.41
C TYR A 6 -13.85 -12.78 -9.16
N VAL A 7 -15.13 -12.50 -9.02
CA VAL A 7 -15.90 -12.97 -7.89
C VAL A 7 -16.92 -14.01 -8.36
N ASP A 8 -16.97 -15.13 -7.65
CA ASP A 8 -17.91 -16.20 -7.98
C ASP A 8 -18.73 -16.63 -6.78
N GLU A 9 -19.00 -17.92 -6.66
CA GLU A 9 -19.78 -18.45 -5.55
C GLU A 9 -18.95 -18.48 -4.27
N ASN A 10 -17.64 -18.67 -4.42
CA ASN A 10 -16.72 -18.73 -3.28
C ASN A 10 -16.55 -17.39 -2.58
N TYR A 11 -17.41 -16.43 -2.89
CA TYR A 11 -17.31 -15.12 -2.27
C TYR A 11 -18.63 -14.68 -1.64
N ILE A 12 -18.53 -13.89 -0.57
CA ILE A 12 -19.70 -13.40 0.14
C ILE A 12 -19.69 -11.88 0.22
N ARG A 13 -20.77 -11.25 -0.23
CA ARG A 13 -20.88 -9.80 -0.19
C ARG A 13 -21.06 -9.34 1.25
N VAL A 14 -20.23 -8.42 1.68
CA VAL A 14 -20.30 -7.89 3.04
C VAL A 14 -20.41 -6.37 2.98
N PRO A 15 -21.47 -5.81 3.57
CA PRO A 15 -21.67 -4.36 3.57
C PRO A 15 -20.41 -3.64 4.03
N LYS A 16 -19.91 -2.73 3.21
CA LYS A 16 -18.71 -1.96 3.52
C LYS A 16 -18.71 -1.51 4.98
N ASP A 17 -19.79 -0.87 5.40
CA ASP A 17 -19.94 -0.37 6.76
C ASP A 17 -19.84 -1.48 7.80
N ARG A 18 -20.22 -2.68 7.41
CA ARG A 18 -20.19 -3.83 8.29
C ARG A 18 -18.76 -4.33 8.48
N LEU A 19 -18.02 -4.41 7.39
CA LEU A 19 -16.63 -4.87 7.44
C LEU A 19 -15.82 -3.87 8.27
N PHE A 20 -16.09 -2.60 8.06
CA PHE A 20 -15.40 -1.52 8.77
C PHE A 20 -15.58 -1.63 10.28
N SER A 21 -16.83 -1.71 10.73
CA SER A 21 -17.13 -1.79 12.16
C SER A 21 -16.54 -3.05 12.77
N PHE A 22 -16.49 -4.12 12.00
CA PHE A 22 -15.93 -5.37 12.47
C PHE A 22 -14.47 -5.15 12.84
N ILE A 23 -13.68 -4.67 11.88
CA ILE A 23 -12.26 -4.41 12.10
C ILE A 23 -12.05 -3.55 13.33
N VAL A 24 -12.85 -2.49 13.46
CA VAL A 24 -12.75 -1.59 14.61
C VAL A 24 -13.05 -2.31 15.93
N ARG A 25 -14.00 -3.24 15.90
CA ARG A 25 -14.36 -4.00 17.10
C ARG A 25 -13.17 -4.83 17.57
N VAL A 26 -12.61 -5.59 16.65
CA VAL A 26 -11.46 -6.44 16.95
C VAL A 26 -10.28 -5.65 17.48
N LEU A 27 -9.91 -4.59 16.78
CA LEU A 27 -8.77 -3.77 17.17
C LEU A 27 -8.93 -3.07 18.52
N THR A 28 -10.10 -2.50 18.79
CA THR A 28 -10.31 -1.83 20.07
C THR A 28 -10.35 -2.85 21.21
N LYS A 29 -10.84 -4.05 20.92
CA LYS A 29 -10.90 -5.12 21.92
C LYS A 29 -9.47 -5.52 22.32
N LEU A 30 -8.52 -5.32 21.41
CA LEU A 30 -7.12 -5.66 21.65
C LEU A 30 -6.36 -4.49 22.27
N GLY A 31 -7.05 -3.40 22.56
CA GLY A 31 -6.40 -2.26 23.18
C GLY A 31 -5.97 -1.13 22.26
N VAL A 32 -6.30 -1.22 20.99
CA VAL A 32 -5.94 -0.16 20.05
C VAL A 32 -6.89 1.02 20.22
N PRO A 33 -6.36 2.22 20.46
CA PRO A 33 -7.22 3.39 20.64
C PRO A 33 -8.19 3.47 19.47
N GLU A 34 -9.44 3.81 19.77
CA GLU A 34 -10.49 3.87 18.77
C GLU A 34 -10.15 4.66 17.51
N GLU A 35 -9.52 5.81 17.65
CA GLU A 35 -9.19 6.61 16.49
C GLU A 35 -8.13 5.94 15.63
N ASP A 36 -7.19 5.25 16.27
CA ASP A 36 -6.15 4.55 15.52
C ASP A 36 -6.76 3.34 14.84
N ALA A 37 -7.73 2.70 15.50
CA ALA A 37 -8.41 1.54 14.93
C ALA A 37 -9.16 1.94 13.67
N LYS A 38 -9.76 3.13 13.71
CA LYS A 38 -10.51 3.64 12.56
C LYS A 38 -9.57 3.92 11.37
N ILE A 39 -8.35 4.35 11.64
CA ILE A 39 -7.38 4.61 10.58
C ILE A 39 -6.99 3.29 9.91
N VAL A 40 -6.71 2.28 10.72
CA VAL A 40 -6.33 0.98 10.18
C VAL A 40 -7.48 0.41 9.33
N ALA A 41 -8.69 0.45 9.89
CA ALA A 41 -9.86 -0.06 9.18
C ALA A 41 -10.07 0.67 7.86
N ASP A 42 -9.95 1.99 7.88
CA ASP A 42 -10.11 2.81 6.69
C ASP A 42 -9.12 2.34 5.61
N ASN A 43 -7.87 2.12 6.01
CA ASN A 43 -6.84 1.68 5.09
C ASN A 43 -7.09 0.27 4.53
N LEU A 44 -7.45 -0.66 5.40
CA LEU A 44 -7.71 -2.04 4.96
C LEU A 44 -8.98 -2.13 4.13
N VAL A 45 -10.00 -1.38 4.50
CA VAL A 45 -11.26 -1.40 3.77
C VAL A 45 -11.09 -0.78 2.39
N MSE A 46 -10.29 0.27 2.30
CA MSE A 46 -10.06 0.90 1.01
C MSE A 46 -9.43 -0.13 0.06
O MSE A 46 -9.79 -0.18 -1.12
CB MSE A 46 -9.14 2.11 1.13
CG MSE A 46 -8.84 2.75 -0.23
SE MSE A 46 -7.68 4.29 -0.15
CE MSE A 46 -8.94 5.56 0.55
N ALA A 47 -8.50 -0.92 0.57
CA ALA A 47 -7.84 -1.94 -0.23
C ALA A 47 -8.86 -2.97 -0.76
N ASP A 48 -9.77 -3.40 0.11
CA ASP A 48 -10.78 -4.35 -0.31
C ASP A 48 -11.72 -3.73 -1.34
N LEU A 49 -12.11 -2.48 -1.11
CA LEU A 49 -12.99 -1.75 -2.03
C LEU A 49 -12.36 -1.57 -3.41
N ARG A 50 -11.07 -1.25 -3.44
CA ARG A 50 -10.37 -1.03 -4.70
C ARG A 50 -9.97 -2.34 -5.38
N GLY A 51 -10.30 -3.46 -4.76
CA GLY A 51 -9.98 -4.75 -5.34
C GLY A 51 -8.58 -5.26 -5.07
N VAL A 52 -7.97 -4.80 -3.99
CA VAL A 52 -6.62 -5.25 -3.64
C VAL A 52 -6.74 -6.22 -2.46
N GLU A 53 -7.29 -7.41 -2.75
CA GLU A 53 -7.49 -8.44 -1.73
C GLU A 53 -6.26 -8.69 -0.88
N SER A 54 -5.11 -8.83 -1.54
CA SER A 54 -3.86 -9.09 -0.83
C SER A 54 -3.54 -8.13 0.33
N HIS A 55 -4.05 -6.90 0.26
CA HIS A 55 -3.78 -5.93 1.33
C HIS A 55 -5.00 -5.48 2.12
N GLY A 56 -6.10 -6.21 2.01
CA GLY A 56 -7.31 -5.86 2.74
C GLY A 56 -7.45 -6.60 4.05
N VAL A 57 -8.69 -6.89 4.44
CA VAL A 57 -8.96 -7.58 5.70
C VAL A 57 -8.24 -8.92 5.82
N GLN A 58 -7.89 -9.50 4.68
CA GLN A 58 -7.18 -10.78 4.67
C GLN A 58 -5.89 -10.67 5.48
N ARG A 59 -5.48 -9.44 5.77
CA ARG A 59 -4.25 -9.17 6.51
C ARG A 59 -4.52 -8.74 7.93
N LEU A 60 -5.76 -8.86 8.38
CA LEU A 60 -6.11 -8.48 9.73
C LEU A 60 -5.42 -9.43 10.72
N LYS A 61 -5.32 -10.70 10.35
CA LYS A 61 -4.69 -11.68 11.22
C LYS A 61 -3.22 -11.34 11.47
N ARG A 62 -2.60 -10.68 10.50
CA ARG A 62 -1.20 -10.28 10.61
C ARG A 62 -1.05 -9.21 11.70
N TYR A 63 -1.93 -8.22 11.69
CA TYR A 63 -1.87 -7.15 12.68
C TYR A 63 -2.29 -7.66 14.05
N VAL A 64 -3.29 -8.53 14.08
CA VAL A 64 -3.77 -9.11 15.34
C VAL A 64 -2.61 -9.85 16.02
N ASP A 65 -1.94 -10.74 15.28
CA ASP A 65 -0.83 -11.49 15.85
C ASP A 65 0.28 -10.56 16.33
N GLY A 66 0.53 -9.50 15.58
CA GLY A 66 1.58 -8.56 15.96
C GLY A 66 1.23 -7.83 17.24
N ILE A 67 -0.05 -7.53 17.42
CA ILE A 67 -0.50 -6.84 18.63
C ILE A 67 -0.38 -7.76 19.84
N ILE A 68 -0.83 -9.00 19.66
CA ILE A 68 -0.77 -9.99 20.73
C ILE A 68 0.67 -10.35 21.11
N SER A 69 1.57 -10.38 20.13
CA SER A 69 2.96 -10.74 20.42
C SER A 69 3.83 -9.55 20.87
N GLY A 70 3.26 -8.35 20.85
CA GLY A 70 4.02 -7.18 21.25
C GLY A 70 4.89 -6.65 20.11
N GLY A 71 4.67 -7.20 18.91
CA GLY A 71 5.42 -6.76 17.75
C GLY A 71 4.89 -5.44 17.21
N VAL A 72 3.71 -5.05 17.70
CA VAL A 72 3.08 -3.79 17.32
C VAL A 72 2.80 -3.02 18.62
N ASN A 73 3.31 -1.81 18.71
CA ASN A 73 3.14 -0.97 19.88
C ASN A 73 1.73 -0.35 19.87
N LEU A 74 0.97 -0.55 20.93
CA LEU A 74 -0.38 -0.01 21.02
C LEU A 74 -0.42 1.50 21.22
N HIS A 75 0.57 2.03 21.95
CA HIS A 75 0.64 3.46 22.21
C HIS A 75 2.01 3.98 21.82
N PRO A 76 2.28 4.06 20.51
CA PRO A 76 3.57 4.53 20.03
C PRO A 76 3.79 6.00 20.28
N LYS A 77 5.00 6.34 20.70
CA LYS A 77 5.36 7.74 20.90
C LYS A 77 6.12 8.07 19.62
N ILE A 78 5.35 8.42 18.58
CA ILE A 78 5.89 8.78 17.29
C ILE A 78 6.69 10.05 17.48
N ARG A 79 8.01 9.95 17.37
CA ARG A 79 8.89 11.08 17.60
C ARG A 79 9.64 11.66 16.40
N VAL A 80 9.73 12.99 16.37
CA VAL A 80 10.44 13.70 15.31
C VAL A 80 11.92 13.70 15.69
N ILE A 81 12.75 13.09 14.86
CA ILE A 81 14.20 13.01 15.11
C ILE A 81 14.92 14.25 14.57
N ARG A 82 14.63 14.58 13.32
CA ARG A 82 15.23 15.76 12.67
C ARG A 82 14.07 16.47 11.97
N GLU A 83 14.14 17.78 11.85
CA GLU A 83 13.06 18.50 11.22
C GLU A 83 13.46 19.86 10.67
N GLY A 84 12.73 20.29 9.66
CA GLY A 84 12.95 21.56 9.02
C GLY A 84 11.60 22.04 8.51
N PRO A 85 11.51 23.28 8.00
CA PRO A 85 10.23 23.79 7.50
C PRO A 85 9.60 22.89 6.43
N SER A 86 10.43 22.20 5.65
CA SER A 86 9.94 21.33 4.59
C SER A 86 10.24 19.83 4.73
N TYR A 87 10.70 19.40 5.89
CA TYR A 87 11.00 17.98 6.06
C TYR A 87 11.00 17.54 7.51
N ALA A 88 10.97 16.22 7.70
CA ALA A 88 11.03 15.63 9.02
C ALA A 88 11.43 14.16 8.94
N LEU A 89 12.16 13.71 9.95
CA LEU A 89 12.59 12.33 10.04
C LEU A 89 11.85 11.83 11.29
N ILE A 90 11.00 10.85 11.10
CA ILE A 90 10.17 10.30 12.18
C ILE A 90 10.54 8.87 12.58
N ASP A 91 10.41 8.58 13.87
CA ASP A 91 10.64 7.22 14.35
C ASP A 91 9.26 6.74 14.82
N GLY A 92 8.76 5.70 14.17
CA GLY A 92 7.44 5.17 14.48
C GLY A 92 7.22 4.47 15.80
N ASP A 93 8.28 4.23 16.54
CA ASP A 93 8.18 3.56 17.84
C ASP A 93 7.38 2.27 17.75
N GLU A 94 7.56 1.55 16.64
CA GLU A 94 6.90 0.27 16.37
C GLU A 94 5.38 0.27 16.35
N GLY A 95 4.80 1.43 16.08
CA GLY A 95 3.35 1.51 16.04
C GLY A 95 2.81 0.88 14.77
N LEU A 96 1.48 0.80 14.67
CA LEU A 96 0.85 0.24 13.48
C LEU A 96 1.31 1.12 12.32
N GLY A 97 1.59 0.50 11.17
CA GLY A 97 2.05 1.25 10.01
C GLY A 97 1.06 2.32 9.56
N GLN A 98 -0.22 1.98 9.62
CA GLN A 98 -1.29 2.89 9.22
C GLN A 98 -1.27 4.16 10.08
N VAL A 99 -1.01 4.01 11.38
CA VAL A 99 -0.97 5.14 12.31
C VAL A 99 0.28 5.98 12.04
N VAL A 100 1.42 5.32 11.92
CA VAL A 100 2.68 6.03 11.64
C VAL A 100 2.57 6.75 10.29
N GLY A 101 2.07 6.05 9.28
CA GLY A 101 1.93 6.64 7.95
C GLY A 101 0.92 7.77 7.89
N TYR A 102 -0.18 7.63 8.63
CA TYR A 102 -1.23 8.65 8.66
C TYR A 102 -0.68 9.95 9.26
N ARG A 103 0.00 9.85 10.40
CA ARG A 103 0.56 11.02 11.06
C ARG A 103 1.71 11.62 10.27
N SER A 104 2.51 10.76 9.64
CA SER A 104 3.63 11.23 8.83
C SER A 104 3.13 11.99 7.61
N MSE A 105 2.09 11.47 6.95
CA MSE A 105 1.56 12.12 5.76
C MSE A 105 0.86 13.43 6.13
O MSE A 105 0.93 14.40 5.39
CB MSE A 105 0.59 11.20 5.01
CG MSE A 105 0.02 11.81 3.73
SE MSE A 105 1.37 12.55 2.52
CE MSE A 105 1.64 11.02 1.38
N LYS A 106 0.16 13.45 7.27
CA LYS A 106 -0.50 14.67 7.73
C LYS A 106 0.54 15.77 7.92
N LEU A 107 1.70 15.40 8.47
CA LEU A 107 2.76 16.38 8.69
C LEU A 107 3.35 16.87 7.37
N ALA A 108 3.51 15.95 6.42
CA ALA A 108 4.05 16.33 5.10
C ALA A 108 3.09 17.32 4.43
N ILE A 109 1.80 17.05 4.51
CA ILE A 109 0.79 17.93 3.92
C ILE A 109 0.85 19.32 4.56
N LYS A 110 1.01 19.36 5.88
CA LYS A 110 1.08 20.62 6.60
C LYS A 110 2.30 21.44 6.15
N LYS A 111 3.44 20.79 6.03
CA LYS A 111 4.65 21.48 5.61
C LYS A 111 4.55 21.98 4.18
N ALA A 112 3.96 21.19 3.29
CA ALA A 112 3.79 21.58 1.90
C ALA A 112 2.88 22.80 1.83
N LYS A 113 1.78 22.73 2.56
CA LYS A 113 0.82 23.82 2.61
C LYS A 113 1.50 25.13 2.98
N ASP A 114 2.40 25.06 3.97
CA ASP A 114 3.10 26.24 4.45
C ASP A 114 4.34 26.67 3.68
N THR A 115 5.00 25.74 3.02
CA THR A 115 6.24 26.07 2.30
C THR A 115 6.23 25.68 0.82
N GLY A 116 5.26 24.87 0.43
CA GLY A 116 5.20 24.42 -0.95
C GLY A 116 5.64 22.97 -1.07
N ILE A 117 6.57 22.56 -0.21
CA ILE A 117 7.09 21.19 -0.23
C ILE A 117 7.10 20.52 1.15
N GLY A 118 6.83 19.22 1.17
CA GLY A 118 6.83 18.48 2.42
C GLY A 118 7.34 17.06 2.22
N ILE A 119 8.46 16.73 2.86
CA ILE A 119 9.04 15.40 2.75
C ILE A 119 9.22 14.81 4.14
N VAL A 120 8.47 13.75 4.43
CA VAL A 120 8.58 13.11 5.73
C VAL A 120 8.98 11.66 5.52
N ILE A 121 10.00 11.24 6.24
CA ILE A 121 10.48 9.88 6.15
C ILE A 121 10.38 9.24 7.53
N ALA A 122 9.97 7.98 7.57
CA ALA A 122 9.80 7.29 8.83
C ALA A 122 10.53 5.96 8.90
N ARG A 123 11.06 5.65 10.06
CA ARG A 123 11.74 4.37 10.29
C ARG A 123 11.06 3.78 11.51
N ASN A 124 11.44 2.55 11.84
CA ASN A 124 10.90 1.84 13.00
C ASN A 124 9.37 1.80 13.00
N SER A 125 8.81 1.45 11.85
CA SER A 125 7.37 1.36 11.69
C SER A 125 6.98 -0.11 11.38
N ASN A 126 5.77 -0.31 10.86
CA ASN A 126 5.28 -1.64 10.53
C ASN A 126 4.56 -1.60 9.18
N HIS A 127 4.15 -2.76 8.69
CA HIS A 127 3.45 -2.84 7.39
C HIS A 127 2.28 -1.86 7.38
N TYR A 128 2.23 -0.98 6.37
CA TYR A 128 1.16 0.01 6.33
C TYR A 128 0.06 -0.15 5.27
N GLY A 129 -0.11 -1.35 4.74
CA GLY A 129 -1.15 -1.56 3.74
C GLY A 129 -0.81 -0.99 2.38
N ILE A 130 -1.82 -0.53 1.65
CA ILE A 130 -1.57 0.03 0.32
C ILE A 130 -0.93 1.40 0.38
N ALA A 131 0.09 1.61 -0.45
CA ALA A 131 0.81 2.88 -0.50
C ALA A 131 -0.09 4.00 -1.02
N GLY A 132 -1.01 3.66 -1.93
CA GLY A 132 -1.89 4.66 -2.50
C GLY A 132 -2.77 5.36 -1.48
N TYR A 133 -3.02 4.69 -0.35
CA TYR A 133 -3.84 5.27 0.70
C TYR A 133 -3.27 6.59 1.21
N TYR A 134 -1.95 6.64 1.37
CA TYR A 134 -1.29 7.85 1.87
C TYR A 134 -1.15 8.90 0.78
N ALA A 135 -0.85 8.47 -0.45
CA ALA A 135 -0.72 9.41 -1.55
C ALA A 135 -2.05 10.13 -1.76
N LEU A 136 -3.14 9.38 -1.67
CA LEU A 136 -4.49 9.94 -1.87
C LEU A 136 -4.84 11.02 -0.85
N MSE A 137 -4.31 10.88 0.36
CA MSE A 137 -4.56 11.87 1.39
C MSE A 137 -4.16 13.26 0.92
O MSE A 137 -4.88 14.24 1.15
CB MSE A 137 -3.78 11.51 2.66
CG MSE A 137 -4.33 10.29 3.39
SE MSE A 137 -3.24 9.81 4.92
CE MSE A 137 -3.54 11.36 6.02
N ALA A 138 -3.02 13.35 0.24
CA ALA A 138 -2.55 14.64 -0.25
C ALA A 138 -3.38 15.13 -1.44
N ALA A 139 -3.73 14.23 -2.35
CA ALA A 139 -4.52 14.61 -3.50
C ALA A 139 -5.89 15.17 -3.09
N GLU A 140 -6.49 14.58 -2.06
CA GLU A 140 -7.79 15.05 -1.58
C GLU A 140 -7.65 16.43 -0.95
N GLU A 141 -6.41 16.86 -0.73
CA GLU A 141 -6.14 18.17 -0.17
C GLU A 141 -5.72 19.15 -1.27
N GLY A 142 -5.78 18.70 -2.53
CA GLY A 142 -5.42 19.55 -3.64
C GLY A 142 -3.92 19.62 -3.88
N MSE A 143 -3.21 18.55 -3.54
CA MSE A 143 -1.76 18.50 -3.70
C MSE A 143 -1.31 17.17 -4.31
O MSE A 143 -2.08 16.23 -4.38
CB MSE A 143 -1.08 18.68 -2.35
CG MSE A 143 -1.56 19.89 -1.57
SE MSE A 143 -0.75 20.00 0.17
CE MSE A 143 -1.90 21.37 0.93
N ILE A 144 -0.05 17.11 -4.73
CA ILE A 144 0.49 15.88 -5.29
C ILE A 144 1.08 15.08 -4.11
N GLY A 145 0.71 13.81 -4.02
CA GLY A 145 1.21 13.00 -2.94
C GLY A 145 1.99 11.81 -3.48
N ILE A 146 3.13 11.56 -2.86
CA ILE A 146 3.98 10.42 -3.22
C ILE A 146 4.28 9.64 -1.95
N SER A 147 4.12 8.32 -2.03
CA SER A 147 4.42 7.47 -0.89
C SER A 147 5.10 6.19 -1.34
N MSE A 148 6.04 5.72 -0.51
CA MSE A 148 6.78 4.50 -0.78
C MSE A 148 7.03 3.83 0.56
O MSE A 148 6.94 4.47 1.62
CB MSE A 148 8.15 4.80 -1.39
CG MSE A 148 8.16 5.59 -2.67
SE MSE A 148 10.00 6.11 -3.11
CE MSE A 148 9.59 7.56 -4.34
N THR A 149 7.36 2.54 0.51
CA THR A 149 7.65 1.77 1.70
C THR A 149 8.48 0.55 1.29
N ASN A 150 9.38 0.12 2.17
CA ASN A 150 10.15 -1.06 1.86
C ASN A 150 9.38 -2.21 2.51
N SER A 151 9.91 -3.43 2.41
CA SER A 151 9.21 -4.56 3.01
C SER A 151 10.13 -5.75 3.23
N ARG A 152 9.54 -6.89 3.54
CA ARG A 152 10.31 -8.10 3.77
C ARG A 152 10.96 -8.52 2.45
N PRO A 153 12.14 -9.17 2.53
CA PRO A 153 12.80 -9.61 1.30
C PRO A 153 11.99 -10.68 0.58
N LEU A 154 11.65 -10.41 -0.68
CA LEU A 154 10.84 -11.34 -1.47
C LEU A 154 11.28 -11.37 -2.93
N VAL A 155 12.07 -10.39 -3.35
CA VAL A 155 12.51 -10.29 -4.74
C VAL A 155 14.00 -10.53 -4.92
N ALA A 156 14.37 -11.14 -6.04
CA ALA A 156 15.77 -11.42 -6.33
C ALA A 156 16.37 -10.37 -7.26
N PRO A 157 17.56 -9.87 -6.92
CA PRO A 157 18.20 -8.86 -7.76
C PRO A 157 18.55 -9.47 -9.12
N THR A 158 18.66 -8.62 -10.13
CA THR A 158 18.98 -9.09 -11.47
C THR A 158 20.31 -9.83 -11.50
N GLY A 159 20.25 -11.10 -11.86
CA GLY A 159 21.45 -11.91 -11.91
C GLY A 159 21.61 -12.79 -10.70
N GLY A 160 20.64 -12.72 -9.78
CA GLY A 160 20.70 -13.50 -8.57
C GLY A 160 19.48 -14.38 -8.37
N ILE A 161 19.46 -15.14 -7.28
CA ILE A 161 18.33 -16.03 -7.00
C ILE A 161 17.79 -15.95 -5.58
N GLU A 162 18.45 -15.17 -4.72
CA GLU A 162 18.01 -15.03 -3.34
C GLU A 162 16.94 -13.97 -3.16
N ARG A 163 16.08 -14.16 -2.16
CA ARG A 163 15.05 -13.17 -1.84
C ARG A 163 15.82 -12.12 -1.05
N ILE A 164 16.11 -10.97 -1.65
CA ILE A 164 16.85 -9.95 -0.93
C ILE A 164 16.20 -8.58 -0.97
N LEU A 165 15.49 -8.29 -2.06
CA LEU A 165 14.83 -7.00 -2.22
C LEU A 165 13.34 -7.08 -1.87
N GLY A 166 12.77 -5.95 -1.46
CA GLY A 166 11.36 -5.93 -1.12
C GLY A 166 10.50 -5.61 -2.33
N THR A 167 9.20 -5.82 -2.22
CA THR A 167 8.29 -5.53 -3.32
C THR A 167 8.09 -4.01 -3.42
N ASN A 168 8.70 -3.32 -2.45
CA ASN A 168 8.74 -1.87 -2.34
C ASN A 168 7.91 -1.09 -3.35
N PRO A 169 6.65 -0.79 -3.02
CA PRO A 169 5.77 -0.05 -3.91
C PRO A 169 6.04 1.44 -4.00
N ILE A 170 5.50 2.05 -5.06
CA ILE A 170 5.60 3.47 -5.31
C ILE A 170 4.20 3.95 -5.65
N ALA A 171 3.77 5.04 -5.02
CA ALA A 171 2.44 5.57 -5.29
C ALA A 171 2.48 7.08 -5.48
N LEU A 172 1.73 7.56 -6.46
CA LEU A 172 1.61 8.98 -6.73
C LEU A 172 0.15 9.29 -7.02
N ALA A 173 -0.38 10.27 -6.32
CA ALA A 173 -1.76 10.69 -6.51
C ALA A 173 -1.76 12.18 -6.82
N ALA A 174 -2.60 12.58 -7.76
CA ALA A 174 -2.69 13.99 -8.12
C ALA A 174 -4.16 14.31 -8.33
N PRO A 175 -4.61 15.51 -7.93
CA PRO A 175 -6.02 15.85 -8.12
C PRO A 175 -6.32 16.16 -9.60
N THR A 176 -7.56 15.91 -10.01
CA THR A 176 -7.98 16.20 -11.38
C THR A 176 -9.35 16.88 -11.32
N LYS A 177 -9.95 17.13 -12.48
CA LYS A 177 -11.27 17.73 -12.53
C LYS A 177 -12.28 16.75 -11.93
N ASP A 178 -11.95 15.47 -11.97
CA ASP A 178 -12.83 14.43 -11.44
C ASP A 178 -12.15 13.67 -10.31
N LYS A 179 -12.02 12.36 -10.44
CA LYS A 179 -11.36 11.58 -9.39
C LYS A 179 -9.85 11.67 -9.51
N PRO A 180 -9.14 11.65 -8.38
CA PRO A 180 -7.68 11.73 -8.40
C PRO A 180 -6.99 10.70 -9.28
N PHE A 181 -5.89 11.11 -9.89
CA PHE A 181 -5.08 10.21 -10.68
C PHE A 181 -4.40 9.41 -9.56
N LEU A 182 -4.28 8.11 -9.71
CA LEU A 182 -3.64 7.32 -8.66
C LEU A 182 -2.84 6.13 -9.15
N LEU A 183 -1.53 6.29 -9.14
CA LEU A 183 -0.63 5.21 -9.51
C LEU A 183 -0.26 4.59 -8.17
N ASP A 184 -0.33 3.27 -8.09
CA ASP A 184 0.02 2.56 -6.86
C ASP A 184 0.48 1.19 -7.32
N MSE A 185 1.79 0.98 -7.33
CA MSE A 185 2.37 -0.26 -7.85
C MSE A 185 3.58 -0.79 -7.09
O MSE A 185 4.43 -0.03 -6.62
CB MSE A 185 2.81 -0.01 -9.28
CG MSE A 185 3.70 1.24 -9.37
SE MSE A 185 4.70 1.54 -10.99
CE MSE A 185 6.29 0.54 -10.53
N ALA A 186 3.68 -2.12 -7.02
CA ALA A 186 4.84 -2.74 -6.39
C ALA A 186 5.90 -2.66 -7.50
N THR A 187 7.17 -2.57 -7.13
CA THR A 187 8.23 -2.48 -8.13
C THR A 187 8.62 -3.87 -8.65
N SER A 188 7.93 -4.89 -8.16
CA SER A 188 8.14 -6.25 -8.60
C SER A 188 7.01 -6.48 -9.59
N VAL A 189 7.09 -7.53 -10.42
CA VAL A 189 6.01 -7.77 -11.37
C VAL A 189 4.69 -7.82 -10.61
N VAL A 190 4.68 -8.54 -9.49
CA VAL A 190 3.48 -8.65 -8.66
C VAL A 190 3.84 -8.72 -7.18
N PRO A 191 2.87 -8.42 -6.30
CA PRO A 191 3.10 -8.46 -4.86
C PRO A 191 3.05 -9.92 -4.39
N ILE A 192 3.77 -10.24 -3.33
CA ILE A 192 3.75 -11.61 -2.83
C ILE A 192 2.33 -11.88 -2.34
N GLY A 193 1.72 -10.85 -1.75
CA GLY A 193 0.37 -10.98 -1.25
C GLY A 193 -0.62 -11.41 -2.32
N LYS A 194 -0.24 -11.29 -3.59
CA LYS A 194 -1.12 -11.70 -4.67
C LYS A 194 -1.24 -13.22 -4.72
N LEU A 195 -0.10 -13.89 -4.86
CA LEU A 195 -0.08 -15.35 -4.92
C LEU A 195 -1.03 -16.00 -3.90
N GLU A 196 -2.23 -16.33 -4.35
CA GLU A 196 -3.21 -16.94 -3.48
C GLU A 196 -3.42 -18.41 -3.78
N TRP A 209 0.22 -12.55 -12.34
CA TRP A 209 1.51 -12.90 -11.78
C TRP A 209 2.63 -12.76 -12.79
N ALA A 210 3.74 -13.45 -12.54
CA ALA A 210 4.87 -13.39 -13.46
C ALA A 210 6.21 -13.58 -12.78
N ILE A 211 6.23 -13.36 -11.47
CA ILE A 211 7.45 -13.49 -10.70
C ILE A 211 7.91 -14.94 -10.66
N ASN A 212 8.54 -15.38 -11.74
CA ASN A 212 8.99 -16.74 -11.81
C ASN A 212 10.44 -16.97 -11.41
N ARG A 213 10.62 -17.45 -10.19
CA ARG A 213 11.94 -17.76 -9.70
C ARG A 213 11.67 -19.03 -8.92
N GLU A 214 12.19 -20.16 -9.36
CA GLU A 214 11.92 -21.40 -8.65
C GLU A 214 12.96 -21.80 -7.64
N GLY A 215 13.57 -22.95 -7.87
CA GLY A 215 14.61 -23.43 -6.99
C GLY A 215 15.91 -22.79 -7.42
N ASN A 216 16.15 -22.84 -8.73
CA ASN A 216 17.35 -22.24 -9.30
C ASN A 216 16.97 -21.06 -10.16
N ILE A 217 15.70 -20.96 -10.49
CA ILE A 217 15.22 -19.85 -11.31
C ILE A 217 14.43 -20.30 -12.53
N THR A 218 13.12 -20.45 -12.37
CA THR A 218 12.30 -20.86 -13.49
C THR A 218 10.89 -20.32 -13.46
N THR A 219 10.06 -20.87 -12.57
CA THR A 219 8.68 -20.43 -12.45
C THR A 219 7.87 -21.40 -11.62
N LYS A 220 6.91 -22.08 -12.26
CA LYS A 220 6.10 -23.05 -11.56
C LYS A 220 4.79 -22.50 -11.02
N VAL A 221 4.63 -22.56 -9.70
CA VAL A 221 3.43 -22.07 -9.07
C VAL A 221 3.48 -22.15 -7.56
N GLU A 222 4.12 -23.19 -7.05
CA GLU A 222 4.24 -23.38 -5.61
C GLU A 222 5.69 -23.39 -5.16
N GLU A 223 6.59 -23.40 -6.13
CA GLU A 223 8.00 -23.41 -5.82
C GLU A 223 8.46 -22.05 -5.33
N VAL A 224 7.55 -21.07 -5.39
CA VAL A 224 7.87 -19.74 -4.94
C VAL A 224 7.96 -19.69 -3.43
N PHE A 225 6.95 -20.27 -2.76
CA PHE A 225 6.95 -20.29 -1.32
C PHE A 225 8.10 -21.16 -0.80
N ASN A 226 8.42 -22.20 -1.56
CA ASN A 226 9.50 -23.09 -1.16
C ASN A 226 10.85 -22.60 -1.65
N GLY A 227 11.38 -21.58 -0.97
CA GLY A 227 12.68 -21.05 -1.36
C GLY A 227 12.68 -20.29 -2.67
N GLY A 228 11.49 -19.97 -3.18
CA GLY A 228 11.40 -19.24 -4.44
C GLY A 228 11.52 -17.74 -4.22
N ALA A 229 11.43 -16.98 -5.31
CA ALA A 229 11.52 -15.53 -5.21
C ALA A 229 10.76 -14.86 -6.35
N LEU A 230 10.28 -13.64 -6.09
CA LEU A 230 9.55 -12.89 -7.10
C LEU A 230 10.54 -12.23 -8.05
N LEU A 231 10.06 -11.85 -9.21
CA LEU A 231 10.90 -11.20 -10.22
C LEU A 231 10.61 -9.69 -10.21
N PRO A 232 11.63 -8.86 -10.47
CA PRO A 232 11.43 -7.40 -10.48
C PRO A 232 10.76 -6.98 -11.77
N LEU A 233 10.05 -5.85 -11.74
CA LEU A 233 9.40 -5.34 -12.94
C LEU A 233 10.41 -5.39 -14.08
N GLY A 234 9.99 -5.89 -15.24
CA GLY A 234 10.90 -5.99 -16.36
C GLY A 234 11.18 -7.45 -16.66
N GLY A 235 11.08 -8.29 -15.63
CA GLY A 235 11.30 -9.70 -15.84
C GLY A 235 12.57 -10.34 -15.32
N PHE A 236 12.81 -11.55 -15.81
CA PHE A 236 13.94 -12.38 -15.44
C PHE A 236 15.34 -11.88 -15.74
N GLY A 237 15.55 -11.24 -16.88
CA GLY A 237 16.92 -10.82 -17.17
C GLY A 237 17.24 -9.34 -17.19
N GLU A 238 17.83 -8.94 -18.31
CA GLU A 238 18.23 -7.56 -18.54
C GLU A 238 17.67 -7.17 -19.90
N LEU A 239 17.36 -8.19 -20.70
CA LEU A 239 16.83 -8.01 -22.04
C LEU A 239 15.57 -7.15 -22.08
N LEU A 240 14.61 -7.45 -21.21
CA LEU A 240 13.35 -6.71 -21.17
C LEU A 240 13.24 -5.67 -20.05
N GLY A 241 14.38 -5.25 -19.52
CA GLY A 241 14.39 -4.24 -18.46
C GLY A 241 14.30 -4.71 -17.02
N GLY A 242 14.52 -5.99 -16.77
CA GLY A 242 14.45 -6.51 -15.41
C GLY A 242 15.29 -5.72 -14.42
N HIS A 243 16.44 -5.22 -14.88
CA HIS A 243 17.34 -4.45 -14.04
C HIS A 243 16.75 -3.10 -13.63
N LYS A 244 15.72 -2.66 -14.35
CA LYS A 244 15.06 -1.40 -14.04
C LYS A 244 14.12 -1.57 -12.85
N GLY A 245 13.34 -2.65 -12.86
CA GLY A 245 12.45 -2.90 -11.74
C GLY A 245 13.28 -3.09 -10.49
N TYR A 246 14.47 -3.64 -10.69
CA TYR A 246 15.43 -3.89 -9.61
C TYR A 246 15.96 -2.56 -9.08
N GLY A 247 16.20 -1.62 -9.98
CA GLY A 247 16.69 -0.31 -9.56
C GLY A 247 15.62 0.47 -8.80
N LEU A 248 14.39 0.40 -9.29
CA LEU A 248 13.28 1.10 -8.65
C LEU A 248 13.10 0.58 -7.22
N SER A 249 13.32 -0.71 -7.03
CA SER A 249 13.20 -1.29 -5.69
C SER A 249 14.25 -0.70 -4.77
N LEU A 250 15.45 -0.48 -5.30
CA LEU A 250 16.54 0.10 -4.52
C LEU A 250 16.29 1.57 -4.20
N MSE A 251 15.71 2.29 -5.17
CA MSE A 251 15.40 3.69 -4.97
C MSE A 251 14.52 3.80 -3.73
O MSE A 251 14.75 4.63 -2.86
CB MSE A 251 14.63 4.24 -6.19
CG MSE A 251 14.12 5.66 -6.02
SE MSE A 251 13.22 6.30 -7.62
CE MSE A 251 11.47 5.61 -7.27
N VAL A 252 13.50 2.94 -3.65
CA VAL A 252 12.61 2.94 -2.50
C VAL A 252 13.35 2.71 -1.18
N ASP A 253 14.23 1.70 -1.15
CA ASP A 253 14.98 1.40 0.06
C ASP A 253 15.98 2.50 0.43
N ILE A 254 16.54 3.16 -0.57
CA ILE A 254 17.48 4.23 -0.33
C ILE A 254 16.74 5.44 0.29
N LEU A 255 15.58 5.76 -0.28
CA LEU A 255 14.80 6.90 0.21
C LEU A 255 14.09 6.60 1.53
N SER A 256 13.75 5.34 1.75
CA SER A 256 13.05 4.93 2.97
C SER A 256 13.99 4.42 4.06
N GLY A 257 14.57 3.24 3.82
CA GLY A 257 15.43 2.61 4.82
C GLY A 257 16.79 3.21 5.10
N ILE A 258 17.55 3.51 4.05
CA ILE A 258 18.89 4.06 4.23
C ILE A 258 18.90 5.51 4.73
N LEU A 259 18.15 6.38 4.05
CA LEU A 259 18.10 7.79 4.43
C LEU A 259 17.55 8.07 5.82
N SER A 260 16.65 7.21 6.29
CA SER A 260 16.03 7.40 7.60
C SER A 260 16.88 6.86 8.75
N GLY A 261 17.93 6.12 8.43
CA GLY A 261 18.73 5.52 9.48
C GLY A 261 18.00 4.28 9.99
N GLY A 262 17.05 3.79 9.20
CA GLY A 262 16.31 2.60 9.55
C GLY A 262 17.06 1.40 9.03
N THR A 263 16.45 0.64 8.12
CA THR A 263 17.13 -0.51 7.54
C THR A 263 16.52 -0.84 6.18
N TRP A 264 17.21 -1.62 5.37
CA TRP A 264 16.68 -1.97 4.07
C TRP A 264 15.97 -3.34 4.09
N SER A 265 15.22 -3.61 3.03
CA SER A 265 14.42 -4.83 2.89
C SER A 265 14.95 -6.13 3.49
N LYS A 266 16.18 -6.49 3.15
CA LYS A 266 16.77 -7.73 3.65
C LYS A 266 16.61 -7.89 5.16
N TYR A 267 16.66 -6.79 5.90
CA TYR A 267 16.55 -6.85 7.35
C TYR A 267 15.21 -6.48 7.95
N VAL A 268 14.20 -6.29 7.11
CA VAL A 268 12.86 -5.96 7.59
C VAL A 268 12.23 -7.28 8.07
N LYS A 269 11.75 -7.30 9.31
CA LYS A 269 11.14 -8.50 9.91
C LYS A 269 9.62 -8.49 9.77
N ASN A 270 9.01 -9.65 10.02
CA ASN A 270 7.56 -9.78 9.95
C ASN A 270 6.95 -8.92 11.06
N THR A 271 5.69 -8.55 10.87
CA THR A 271 4.97 -7.72 11.84
C THR A 271 4.96 -8.22 13.28
N SER A 272 4.82 -9.52 13.47
CA SER A 272 4.78 -10.12 14.81
C SER A 272 6.07 -9.95 15.59
N GLU A 273 7.16 -9.73 14.87
CA GLU A 273 8.46 -9.55 15.48
C GLU A 273 8.65 -8.13 15.99
N LYS A 274 9.36 -7.99 17.10
CA LYS A 274 9.66 -6.67 17.63
C LYS A 274 10.76 -6.13 16.71
N GLY A 275 10.79 -4.82 16.50
CA GLY A 275 11.79 -4.25 15.63
C GLY A 275 11.66 -4.64 14.17
N SER A 276 10.44 -4.71 13.64
CA SER A 276 10.27 -5.08 12.22
C SER A 276 11.06 -4.08 11.37
N ASN A 277 11.06 -2.83 11.83
CA ASN A 277 11.76 -1.73 11.19
C ASN A 277 11.37 -1.48 9.73
N VAL A 278 10.06 -1.44 9.47
CA VAL A 278 9.60 -1.13 8.13
C VAL A 278 9.78 0.39 8.04
N CYS A 279 10.23 0.87 6.89
CA CYS A 279 10.44 2.31 6.73
C CYS A 279 9.59 2.86 5.59
N HIS A 280 9.19 4.13 5.70
CA HIS A 280 8.35 4.75 4.69
C HIS A 280 8.90 6.08 4.21
N PHE A 281 8.44 6.51 3.03
CA PHE A 281 8.82 7.78 2.42
C PHE A 281 7.53 8.49 2.03
N PHE A 282 7.40 9.76 2.42
CA PHE A 282 6.20 10.53 2.09
C PHE A 282 6.65 11.86 1.52
N MSE A 283 6.03 12.27 0.42
CA MSE A 283 6.38 13.53 -0.20
C MSE A 283 5.13 14.21 -0.73
O MSE A 283 4.31 13.60 -1.42
CB MSE A 283 7.36 13.32 -1.35
CG MSE A 283 7.79 14.60 -2.02
SE MSE A 283 8.97 14.19 -3.48
CE MSE A 283 8.08 15.17 -4.90
N VAL A 284 5.00 15.49 -0.42
CA VAL A 284 3.85 16.26 -0.87
C VAL A 284 4.31 17.53 -1.56
N ILE A 285 3.67 17.85 -2.67
CA ILE A 285 3.99 19.06 -3.40
C ILE A 285 2.71 19.87 -3.43
N ASP A 286 2.73 21.06 -2.86
CA ASP A 286 1.55 21.91 -2.86
C ASP A 286 1.47 22.56 -4.24
N ILE A 287 0.64 21.99 -5.09
CA ILE A 287 0.47 22.48 -6.45
C ILE A 287 0.31 24.00 -6.56
N GLU A 288 -0.51 24.59 -5.70
CA GLU A 288 -0.76 26.04 -5.71
C GLU A 288 0.49 26.91 -5.66
N HIS A 289 1.54 26.44 -4.98
CA HIS A 289 2.79 27.19 -4.88
C HIS A 289 3.50 27.23 -6.24
N PHE A 290 3.11 26.35 -7.16
CA PHE A 290 3.71 26.30 -8.48
C PHE A 290 2.83 26.95 -9.54
N ILE A 291 1.61 26.44 -9.69
CA ILE A 291 0.68 27.00 -10.66
C ILE A 291 -0.73 26.92 -10.08
N PRO A 292 -1.69 27.69 -10.64
CA PRO A 292 -3.04 27.61 -10.07
C PRO A 292 -3.54 26.18 -10.11
N LEU A 293 -4.11 25.72 -8.99
CA LEU A 293 -4.62 24.37 -8.91
C LEU A 293 -5.67 24.08 -9.98
N GLU A 294 -6.56 25.04 -10.21
CA GLU A 294 -7.60 24.83 -11.23
C GLU A 294 -6.99 24.64 -12.61
N GLU A 295 -5.86 25.32 -12.88
CA GLU A 295 -5.18 25.18 -14.17
C GLU A 295 -4.57 23.79 -14.23
N PHE A 296 -3.95 23.38 -13.12
CA PHE A 296 -3.35 22.06 -13.03
C PHE A 296 -4.41 21.00 -13.34
N LYS A 297 -5.56 21.09 -12.66
CA LYS A 297 -6.62 20.12 -12.85
C LYS A 297 -7.11 20.08 -14.29
N GLU A 298 -7.29 21.25 -14.88
CA GLU A 298 -7.74 21.32 -16.27
C GLU A 298 -6.74 20.60 -17.17
N LYS A 299 -5.47 20.98 -17.06
CA LYS A 299 -4.45 20.37 -17.90
C LYS A 299 -4.26 18.86 -17.74
N ILE A 300 -4.24 18.36 -16.50
CA ILE A 300 -4.05 16.94 -16.31
C ILE A 300 -5.25 16.13 -16.80
N SER A 301 -6.45 16.67 -16.59
CA SER A 301 -7.67 15.99 -17.05
C SER A 301 -7.71 15.95 -18.57
N GLN A 302 -7.19 16.99 -19.20
CA GLN A 302 -7.16 17.05 -20.66
C GLN A 302 -6.17 15.99 -21.18
N MSE A 303 -5.08 15.82 -20.45
CA MSE A 303 -4.07 14.82 -20.82
C MSE A 303 -4.70 13.43 -20.69
O MSE A 303 -4.55 12.59 -21.58
CB MSE A 303 -2.85 14.91 -19.91
CG MSE A 303 -1.85 13.78 -20.10
SE MSE A 303 -0.33 13.85 -18.89
CE MSE A 303 -1.11 12.96 -17.35
N ILE A 304 -5.38 13.20 -19.57
CA ILE A 304 -6.01 11.91 -19.32
C ILE A 304 -7.06 11.59 -20.40
N GLU A 305 -7.88 12.57 -20.73
CA GLU A 305 -8.91 12.37 -21.75
C GLU A 305 -8.29 12.05 -23.11
N GLU A 306 -7.22 12.75 -23.47
CA GLU A 306 -6.56 12.51 -24.74
C GLU A 306 -5.86 11.15 -24.77
N ILE A 307 -5.36 10.69 -23.63
CA ILE A 307 -4.71 9.39 -23.59
C ILE A 307 -5.77 8.29 -23.75
N LYS A 308 -6.86 8.41 -23.01
CA LYS A 308 -7.93 7.42 -23.07
C LYS A 308 -8.54 7.36 -24.46
N SER A 309 -8.71 8.53 -25.07
CA SER A 309 -9.30 8.65 -26.40
C SER A 309 -8.36 8.29 -27.54
N SER A 310 -7.12 7.93 -27.24
CA SER A 310 -6.16 7.58 -28.28
C SER A 310 -6.53 6.24 -28.92
N ARG A 311 -6.04 6.01 -30.13
CA ARG A 311 -6.32 4.80 -30.89
C ARG A 311 -6.17 3.50 -30.08
N LYS A 312 -7.30 2.84 -29.82
CA LYS A 312 -7.31 1.59 -29.07
C LYS A 312 -6.76 0.42 -29.90
N HIS A 313 -6.09 -0.51 -29.22
CA HIS A 313 -5.53 -1.69 -29.86
C HIS A 313 -6.70 -2.63 -30.17
N PRO A 314 -6.65 -3.33 -31.32
CA PRO A 314 -7.75 -4.24 -31.65
C PRO A 314 -8.13 -5.20 -30.52
N GLU A 315 -7.13 -5.77 -29.86
CA GLU A 315 -7.37 -6.72 -28.78
C GLU A 315 -7.95 -6.15 -27.49
N PHE A 316 -7.69 -4.84 -27.32
CA PHE A 316 -8.12 -4.10 -26.14
C PHE A 316 -9.45 -3.36 -26.23
N GLU A 317 -10.17 -3.23 -25.13
CA GLU A 317 -11.47 -2.57 -25.22
C GLU A 317 -11.33 -1.11 -24.87
N ARG A 318 -10.43 -0.88 -23.93
CA ARG A 318 -10.35 0.45 -23.38
C ARG A 318 -8.98 0.75 -22.87
N ILE A 319 -8.64 2.02 -22.85
CA ILE A 319 -7.36 2.48 -22.33
C ILE A 319 -7.75 3.10 -20.99
N TRP A 320 -7.23 2.53 -19.91
CA TRP A 320 -7.54 3.04 -18.57
C TRP A 320 -6.49 4.03 -18.11
N ILE A 321 -6.83 4.81 -17.08
CA ILE A 321 -5.90 5.75 -16.48
C ILE A 321 -5.67 5.16 -15.09
N HIS A 322 -4.47 5.30 -14.57
CA HIS A 322 -4.17 4.73 -13.26
C HIS A 322 -5.08 5.19 -12.15
N GLY A 323 -5.69 4.22 -11.48
CA GLY A 323 -6.60 4.51 -10.39
C GLY A 323 -8.05 4.34 -10.81
N GLU A 324 -8.30 4.40 -12.11
CA GLU A 324 -9.65 4.27 -12.64
C GLU A 324 -10.36 2.96 -12.30
N LYS A 325 -9.72 1.83 -12.59
CA LYS A 325 -10.32 0.53 -12.28
C LYS A 325 -10.68 0.47 -10.79
N GLY A 326 -9.74 0.88 -9.95
CA GLY A 326 -9.97 0.87 -8.51
C GLY A 326 -11.15 1.69 -8.06
N PHE A 327 -11.28 2.91 -8.57
CA PHE A 327 -12.39 3.77 -8.20
C PHE A 327 -13.73 3.21 -8.66
N LEU A 328 -13.73 2.58 -9.83
CA LEU A 328 -14.95 1.96 -10.36
C LEU A 328 -15.30 0.74 -9.53
N THR A 329 -14.29 -0.06 -9.22
CA THR A 329 -14.49 -1.25 -8.40
C THR A 329 -15.08 -0.83 -7.06
N MSE A 330 -14.54 0.25 -6.49
CA MSE A 330 -15.02 0.76 -5.22
C MSE A 330 -16.49 1.16 -5.34
O MSE A 330 -17.32 0.70 -4.57
CB MSE A 330 -14.19 1.98 -4.79
CG MSE A 330 -14.77 2.75 -3.61
SE MSE A 330 -13.67 4.23 -3.00
CE MSE A 330 -14.38 5.94 -3.43
N GLU A 331 -16.77 2.01 -6.32
CA GLU A 331 -18.13 2.49 -6.56
C GLU A 331 -19.12 1.33 -6.55
N THR A 332 -18.75 0.26 -7.25
CA THR A 332 -19.59 -0.93 -7.32
C THR A 332 -19.82 -1.57 -5.96
N ARG A 333 -18.73 -1.96 -5.31
CA ARG A 333 -18.79 -2.61 -4.01
C ARG A 333 -19.41 -1.77 -2.89
N LEU A 334 -19.57 -0.47 -3.11
CA LEU A 334 -20.17 0.38 -2.08
C LEU A 334 -21.69 0.20 -2.02
N LYS A 335 -22.30 -0.13 -3.16
CA LYS A 335 -23.74 -0.32 -3.21
C LYS A 335 -24.09 -1.78 -3.46
N LEU A 336 -23.09 -2.56 -3.85
CA LEU A 336 -23.28 -3.98 -4.13
C LEU A 336 -22.67 -4.79 -2.98
N GLY A 337 -21.77 -4.16 -2.23
CA GLY A 337 -21.13 -4.84 -1.11
C GLY A 337 -19.74 -5.34 -1.45
N ILE A 338 -18.91 -5.49 -0.42
CA ILE A 338 -17.54 -5.96 -0.61
C ILE A 338 -17.47 -7.49 -0.61
N PRO A 339 -16.99 -8.08 -1.71
CA PRO A 339 -16.87 -9.54 -1.82
C PRO A 339 -15.67 -10.09 -1.06
N ILE A 340 -15.93 -10.94 -0.08
CA ILE A 340 -14.88 -11.55 0.72
C ILE A 340 -14.87 -13.05 0.50
N TYR A 341 -13.70 -13.58 0.13
CA TYR A 341 -13.56 -15.01 -0.12
C TYR A 341 -14.14 -15.83 1.02
N ARG A 342 -14.44 -17.10 0.74
CA ARG A 342 -15.01 -18.00 1.74
C ARG A 342 -14.07 -18.30 2.90
N LYS A 343 -12.90 -18.85 2.59
CA LYS A 343 -11.92 -19.18 3.62
C LYS A 343 -11.49 -17.98 4.46
N VAL A 344 -11.45 -16.81 3.84
CA VAL A 344 -11.05 -15.60 4.55
C VAL A 344 -12.13 -15.21 5.55
N LEU A 345 -13.39 -15.32 5.13
CA LEU A 345 -14.52 -14.98 6.00
C LEU A 345 -14.51 -15.88 7.23
N GLU A 346 -14.16 -17.16 7.04
CA GLU A 346 -14.12 -18.11 8.13
C GLU A 346 -13.03 -17.66 9.10
N GLU A 347 -11.89 -17.28 8.52
CA GLU A 347 -10.74 -16.80 9.26
C GLU A 347 -11.10 -15.60 10.15
N LEU A 348 -11.86 -14.66 9.59
CA LEU A 348 -12.26 -13.47 10.32
C LEU A 348 -13.20 -13.79 11.49
N ASN A 349 -14.08 -14.75 11.30
CA ASN A 349 -14.99 -15.12 12.38
C ASN A 349 -14.25 -15.85 13.49
N GLU A 350 -13.20 -16.58 13.13
CA GLU A 350 -12.39 -17.28 14.11
C GLU A 350 -11.65 -16.22 14.95
N ILE A 351 -11.18 -15.17 14.29
CA ILE A 351 -10.50 -14.08 14.99
C ILE A 351 -11.48 -13.44 15.97
N ALA A 352 -12.72 -13.26 15.52
CA ALA A 352 -13.76 -12.67 16.35
C ALA A 352 -14.01 -13.53 17.59
N LYS A 353 -14.02 -14.85 17.40
CA LYS A 353 -14.23 -15.79 18.50
C LYS A 353 -13.07 -15.73 19.48
N ARG A 354 -11.85 -15.74 18.95
CA ARG A 354 -10.65 -15.69 19.78
C ARG A 354 -10.60 -14.47 20.68
N VAL A 355 -10.81 -13.29 20.10
CA VAL A 355 -10.76 -12.04 20.85
C VAL A 355 -12.05 -11.77 21.61
N GLY A 356 -13.12 -12.44 21.24
CA GLY A 356 -14.40 -12.27 21.93
C GLY A 356 -15.28 -11.11 21.51
N VAL A 357 -15.53 -10.99 20.20
CA VAL A 357 -16.40 -9.93 19.69
C VAL A 357 -17.31 -10.50 18.60
N GLU A 358 -18.37 -9.77 18.27
CA GLU A 358 -19.30 -10.20 17.23
C GLU A 358 -18.54 -10.27 15.91
N GLY A 359 -18.74 -11.36 15.16
CA GLY A 359 -18.07 -11.51 13.89
C GLY A 359 -18.83 -10.89 12.73
N LEU A 360 -18.72 -11.51 11.56
CA LEU A 360 -19.41 -11.02 10.37
C LEU A 360 -20.59 -11.90 10.00
PA NDP B . -1.51 -3.44 -9.99
O1A NDP B . -2.78 -3.93 -9.52
O2A NDP B . -0.72 -4.08 -11.10
O5B NDP B . -1.72 -1.85 -10.36
C5B NDP B . -0.63 -1.03 -10.83
C4B NDP B . -1.22 0.38 -11.02
O4B NDP B . -1.60 0.43 -12.41
C3B NDP B . -2.45 0.75 -10.23
O3B NDP B . -2.32 2.16 -9.85
C2B NDP B . -3.62 0.55 -11.14
O2B NDP B . -4.81 1.31 -10.87
C1B NDP B . -2.98 0.78 -12.48
N9A NDP B . -3.54 -0.04 -13.59
C8A NDP B . -3.99 -1.38 -13.59
N7A NDP B . -4.39 -1.75 -14.79
C5A NDP B . -4.22 -0.66 -15.60
C6A NDP B . -4.45 -0.40 -16.99
N6A NDP B . -4.93 -1.35 -17.79
N1A NDP B . -4.16 0.85 -17.51
C2A NDP B . -3.65 1.84 -16.70
N3A NDP B . -3.40 1.68 -15.38
C4A NDP B . -3.70 0.40 -14.88
O3 NDP B . -0.47 -3.21 -8.83
PN NDP B . 0.33 -4.08 -7.78
O1N NDP B . 1.74 -3.84 -8.08
O2N NDP B . -0.20 -5.46 -7.99
O5D NDP B . -0.15 -3.42 -6.41
C5D NDP B . -0.54 -4.21 -5.26
C4D NDP B . -0.96 -3.26 -4.06
O4D NDP B . -0.24 -3.69 -2.93
C3D NDP B . -0.65 -1.76 -4.21
O3D NDP B . -1.78 -1.02 -3.73
C2D NDP B . 0.62 -1.53 -3.42
O2D NDP B . 0.71 -0.21 -2.94
C1D NDP B . 0.49 -2.62 -2.33
N1N NDP B . 1.79 -3.14 -1.83
C2N NDP B . 2.10 -2.87 -0.47
C3N NDP B . 3.37 -3.40 0.03
C7N NDP B . 3.74 -3.16 1.43
O7N NDP B . 4.80 -3.57 1.92
N7N NDP B . 2.93 -2.45 2.25
C4N NDP B . 4.20 -4.13 -0.87
C5N NDP B . 3.88 -4.37 -2.19
C6N NDP B . 2.68 -3.88 -2.68
P2B NDP B . -6.08 0.79 -10.15
O1X NDP B . -7.16 1.37 -10.96
O2X NDP B . -6.11 1.30 -8.74
O3X NDP B . -6.10 -0.74 -10.17
C1 GOL C . 17.20 -13.35 -12.06
O1 GOL C . 18.60 -14.11 -12.20
C2 GOL C . 17.01 -11.98 -12.19
O2 GOL C . 17.84 -11.47 -13.13
C3 GOL C . 16.15 -11.60 -11.44
O3 GOL C . 15.06 -11.63 -10.35
#